data_5J85
#
_entry.id   5J85
#
_cell.length_a   318.440
_cell.length_b   318.440
_cell.length_c   318.440
_cell.angle_alpha   90.00
_cell.angle_beta   90.00
_cell.angle_gamma   90.00
#
_symmetry.space_group_name_H-M   'F 4 3 2'
#
loop_
_entity.id
_entity.type
_entity.pdbx_description
1 polymer 'Dihydroxyacid dehydratase/phosphogluconate dehydratase'
2 non-polymer 'FE2/S2 (INORGANIC) CLUSTER'
3 non-polymer 'MAGNESIUM ION'
4 water water
#
_entity_poly.entity_id   1
_entity_poly.type   'polypeptide(L)'
_entity_poly.pdbx_seq_one_letter_code
;MDWSHPQFEKKKKAEWPRKLRSQEWYGGTSRDVIYHRGWLKNQGYPHDLFDGRPVIGILNTWSDMTPCNGHLRELAEKVK
AGVWEAGGFPLEVPVFSASENTFRPTAMMYRNLAALAVEEAIRGQPMDGCVLLVGCD(KCX)TTPSLLMGAASCDLPSIV
VTGGPMLNGYFRGERVGSGTHLWKFSEMVKAGEMTQAEFLEAEASMSRSSGTCNTMGTASTMASMAEALGMALSGNAAIP
GVDSRRKVMAQLTGRRIVQMVKDDLKPSEIMTKQAFENAIRTNAAIGGSTNAVIHLLAIAGRVGIDLSLDDWDRCGRDVP
TIVNLMPSGKYLMEEFFYAGGLPVVLKRLGEAGLLHKDALTVSGETVWDEVKDVVNWNEDVILPAEKALTSSGGIVVLRG
NLAPKGAVLKPSAASPHLLVHKGRAVVFEDIDDYKAKINDDNLDIDENCIMVMKNCGPKGYPGMAEVGNMGLPPKVLKKG
ILDMVRISDARMAGTAYGTVVLHTSPEAAVGGPLAVVKNGDMIELDVPNRRLHLDISDEELARRLAEWQPNHDLPTSGYA
FLHQQHVEGADTGADLDFLKGCRGNAVGKDSH
;
_entity_poly.pdbx_strand_id   A
#
# COMPACT_ATOMS: atom_id res chain seq x y z
N LYS A 13 -10.11 11.47 28.16
CA LYS A 13 -11.12 11.11 27.17
C LYS A 13 -12.35 12.02 27.27
N ALA A 14 -13.32 11.81 26.40
CA ALA A 14 -14.45 12.72 26.24
C ALA A 14 -15.65 12.25 27.04
N GLU A 15 -16.64 13.14 27.14
CA GLU A 15 -17.80 12.90 27.97
C GLU A 15 -18.77 11.94 27.28
N TRP A 16 -19.19 10.89 28.01
CA TRP A 16 -20.25 10.03 27.51
C TRP A 16 -21.27 9.82 28.63
N PRO A 17 -22.57 10.10 28.38
CA PRO A 17 -23.26 10.57 27.16
C PRO A 17 -22.87 11.94 26.62
N ARG A 18 -23.06 12.12 25.32
CA ARG A 18 -22.99 13.45 24.72
C ARG A 18 -23.69 13.37 23.36
N LYS A 19 -23.89 14.53 22.75
CA LYS A 19 -24.56 14.61 21.45
C LYS A 19 -23.52 14.40 20.35
N LEU A 20 -23.62 13.25 19.67
CA LEU A 20 -22.77 12.88 18.54
C LEU A 20 -23.28 13.54 17.26
N ARG A 21 -22.42 13.57 16.24
CA ARG A 21 -22.77 14.32 15.02
C ARG A 21 -23.96 13.72 14.28
N SER A 22 -24.24 12.43 14.46
CA SER A 22 -25.43 11.85 13.84
C SER A 22 -26.70 12.50 14.35
N GLN A 23 -26.68 13.06 15.57
CA GLN A 23 -27.89 13.67 16.10
C GLN A 23 -28.25 14.96 15.37
N GLU A 24 -27.32 15.55 14.62
CA GLU A 24 -27.68 16.63 13.71
C GLU A 24 -28.68 16.16 12.66
N TRP A 25 -28.63 14.88 12.30
CA TRP A 25 -29.59 14.28 11.38
C TRP A 25 -30.79 13.70 12.10
N TYR A 26 -30.57 13.02 13.23
CA TYR A 26 -31.55 12.09 13.77
C TYR A 26 -32.08 12.47 15.16
N GLY A 27 -31.73 13.65 15.66
CA GLY A 27 -32.07 14.04 17.03
C GLY A 27 -33.04 15.21 17.05
N GLY A 28 -34.13 15.02 17.78
CA GLY A 28 -35.11 16.07 17.99
C GLY A 28 -36.43 15.78 17.29
N THR A 29 -37.19 16.85 17.07
CA THR A 29 -38.49 16.74 16.40
C THR A 29 -38.72 17.83 15.36
N SER A 30 -37.69 18.62 15.03
CA SER A 30 -37.81 19.56 13.92
C SER A 30 -38.13 18.81 12.63
N ARG A 31 -38.72 19.53 11.67
CA ARG A 31 -39.03 18.91 10.38
C ARG A 31 -37.78 18.32 9.76
N ASP A 32 -36.64 19.00 9.88
CA ASP A 32 -35.41 18.48 9.30
C ASP A 32 -35.15 17.04 9.74
N VAL A 33 -35.40 16.75 11.01
CA VAL A 33 -35.01 15.46 11.56
C VAL A 33 -36.06 14.37 11.27
N ILE A 34 -37.35 14.71 11.16
CA ILE A 34 -38.31 13.65 10.83
C ILE A 34 -38.25 13.28 9.35
N TYR A 35 -37.75 14.19 8.50
CA TYR A 35 -37.38 13.80 7.14
C TYR A 35 -36.27 12.75 7.18
N HIS A 36 -35.12 13.11 7.77
CA HIS A 36 -33.99 12.20 7.80
C HIS A 36 -34.32 10.90 8.54
N ARG A 37 -34.83 11.02 9.76
CA ARG A 37 -35.11 9.83 10.56
C ARG A 37 -36.24 9.01 9.95
N GLY A 38 -37.32 9.67 9.54
CA GLY A 38 -38.48 8.96 9.02
C GLY A 38 -38.19 8.21 7.72
N TRP A 39 -37.28 8.75 6.90
CA TRP A 39 -36.89 8.08 5.67
C TRP A 39 -36.11 6.81 5.98
N LEU A 40 -35.06 6.91 6.79
CA LEU A 40 -34.28 5.73 7.15
C LEU A 40 -35.12 4.66 7.81
N LYS A 41 -36.25 5.03 8.43
CA LYS A 41 -37.13 4.04 9.06
C LYS A 41 -37.85 3.15 8.05
N ASN A 42 -37.76 3.45 6.75
CA ASN A 42 -38.41 2.56 5.79
C ASN A 42 -37.67 1.24 5.63
N GLN A 43 -36.45 1.13 6.15
CA GLN A 43 -35.78 -0.16 6.18
C GLN A 43 -36.12 -0.95 7.43
N GLY A 44 -36.97 -0.41 8.30
CA GLY A 44 -37.45 -1.14 9.46
C GLY A 44 -36.55 -1.14 10.68
N TYR A 45 -36.31 0.04 11.26
CA TYR A 45 -35.47 0.13 12.44
C TYR A 45 -36.27 0.60 13.65
N PRO A 46 -36.08 -0.01 14.82
CA PRO A 46 -36.73 0.51 16.03
C PRO A 46 -36.37 1.96 16.27
N HIS A 47 -37.30 2.71 16.89
CA HIS A 47 -37.08 4.14 17.04
C HIS A 47 -35.90 4.46 17.97
N ASP A 48 -35.65 3.62 18.97
CA ASP A 48 -34.56 3.96 19.88
C ASP A 48 -33.18 3.87 19.24
N LEU A 49 -33.05 3.32 18.03
CA LEU A 49 -31.75 3.32 17.38
C LEU A 49 -31.31 4.74 17.04
N PHE A 50 -32.23 5.69 17.03
CA PHE A 50 -31.90 7.07 16.71
C PHE A 50 -31.71 7.91 17.95
N ASP A 51 -31.51 7.29 19.11
CA ASP A 51 -31.49 8.03 20.37
C ASP A 51 -30.15 8.71 20.66
N GLY A 52 -29.19 8.63 19.74
CA GLY A 52 -27.88 9.21 19.95
C GLY A 52 -26.80 8.21 20.27
N ARG A 53 -27.12 6.91 20.35
CA ARG A 53 -26.10 5.88 20.35
C ARG A 53 -25.23 5.99 19.10
N PRO A 54 -24.00 5.51 19.15
CA PRO A 54 -23.08 5.69 18.00
C PRO A 54 -23.61 5.05 16.72
N VAL A 55 -23.64 5.85 15.65
CA VAL A 55 -23.95 5.35 14.31
C VAL A 55 -22.65 5.03 13.60
N ILE A 56 -22.46 3.77 13.27
CA ILE A 56 -21.19 3.24 12.74
C ILE A 56 -21.33 2.97 11.24
N GLY A 57 -20.63 3.76 10.44
CA GLY A 57 -20.49 3.48 9.01
C GLY A 57 -19.47 2.39 8.74
N ILE A 58 -19.94 1.27 8.18
CA ILE A 58 -19.07 0.18 7.75
C ILE A 58 -18.75 0.41 6.27
N LEU A 59 -17.58 0.98 6.00
CA LEU A 59 -17.15 1.34 4.64
C LEU A 59 -16.60 0.08 3.97
N ASN A 60 -17.32 -0.46 2.99
CA ASN A 60 -17.03 -1.78 2.46
C ASN A 60 -16.51 -1.67 1.02
N THR A 61 -15.26 -2.12 0.78
CA THR A 61 -14.72 -2.13 -0.57
C THR A 61 -14.99 -3.44 -1.31
N TRP A 62 -15.94 -4.24 -0.84
CA TRP A 62 -16.30 -5.43 -1.58
C TRP A 62 -16.82 -5.08 -2.97
N SER A 63 -16.50 -5.94 -3.93
CA SER A 63 -16.99 -5.83 -5.30
C SER A 63 -16.78 -7.17 -5.99
N ASP A 64 -17.69 -7.52 -6.89
CA ASP A 64 -17.46 -8.74 -7.67
C ASP A 64 -16.25 -8.60 -8.57
N MET A 65 -15.85 -7.37 -8.89
CA MET A 65 -14.70 -7.09 -9.72
C MET A 65 -13.42 -6.82 -8.94
N THR A 66 -13.43 -7.01 -7.63
CA THR A 66 -12.20 -6.96 -6.84
C THR A 66 -12.18 -8.28 -6.08
N PRO A 67 -11.80 -9.37 -6.76
CA PRO A 67 -11.86 -10.70 -6.12
C PRO A 67 -10.99 -10.81 -4.88
N CYS A 68 -9.96 -9.96 -4.73
N CYS A 68 -9.98 -9.97 -4.74
CA CYS A 68 -9.19 -9.95 -3.50
CA CYS A 68 -9.19 -9.94 -3.51
C CYS A 68 -10.07 -9.65 -2.29
C CYS A 68 -10.02 -9.57 -2.29
N ASN A 69 -11.18 -8.92 -2.50
CA ASN A 69 -12.10 -8.54 -1.44
C ASN A 69 -13.40 -9.35 -1.49
N GLY A 70 -13.34 -10.57 -2.02
CA GLY A 70 -14.57 -11.27 -2.35
C GLY A 70 -15.42 -11.64 -1.15
N HIS A 71 -14.81 -11.82 0.01
CA HIS A 71 -15.50 -12.29 1.22
C HIS A 71 -15.85 -11.14 2.16
N LEU A 72 -15.60 -9.90 1.76
CA LEU A 72 -15.78 -8.75 2.63
C LEU A 72 -17.24 -8.52 3.03
N ARG A 73 -18.22 -8.97 2.25
CA ARG A 73 -19.60 -8.81 2.71
C ARG A 73 -19.89 -9.72 3.90
N GLU A 74 -19.31 -10.92 3.90
CA GLU A 74 -19.42 -11.78 5.08
C GLU A 74 -18.78 -11.11 6.29
N LEU A 75 -17.65 -10.41 6.09
CA LEU A 75 -17.01 -9.73 7.21
C LEU A 75 -17.86 -8.57 7.71
N ALA A 76 -18.48 -7.82 6.79
CA ALA A 76 -19.40 -6.75 7.15
C ALA A 76 -20.49 -7.24 8.11
N GLU A 77 -21.02 -8.44 7.85
CA GLU A 77 -22.04 -8.98 8.74
C GLU A 77 -21.49 -9.28 10.12
N LYS A 78 -20.23 -9.74 10.20
CA LYS A 78 -19.61 -9.96 11.50
C LYS A 78 -19.40 -8.63 12.23
N VAL A 79 -18.93 -7.61 11.51
CA VAL A 79 -18.82 -6.28 12.11
C VAL A 79 -20.17 -5.80 12.62
N LYS A 80 -21.21 -5.93 11.78
CA LYS A 80 -22.54 -5.50 12.17
C LYS A 80 -22.96 -6.15 13.47
N ALA A 81 -22.73 -7.45 13.61
CA ALA A 81 -23.14 -8.13 14.82
C ALA A 81 -22.46 -7.51 16.03
N GLY A 82 -21.16 -7.18 15.89
CA GLY A 82 -20.45 -6.57 16.99
C GLY A 82 -20.97 -5.19 17.35
N VAL A 83 -21.30 -4.37 16.34
CA VAL A 83 -21.87 -3.07 16.63
C VAL A 83 -23.20 -3.21 17.37
N TRP A 84 -24.04 -4.15 16.94
CA TRP A 84 -25.30 -4.41 17.64
C TRP A 84 -25.04 -4.79 19.10
N GLU A 85 -24.10 -5.72 19.31
CA GLU A 85 -23.83 -6.21 20.66
C GLU A 85 -23.44 -5.08 21.59
N ALA A 86 -22.64 -4.14 21.10
CA ALA A 86 -22.13 -3.03 21.89
C ALA A 86 -23.10 -1.86 21.93
N GLY A 87 -24.31 -2.01 21.39
CA GLY A 87 -25.29 -0.95 21.45
C GLY A 87 -25.10 0.21 20.49
N GLY A 88 -24.38 0.01 19.38
CA GLY A 88 -24.35 0.99 18.32
C GLY A 88 -25.40 0.70 17.24
N PHE A 89 -25.42 1.55 16.22
CA PHE A 89 -26.33 1.41 15.08
C PHE A 89 -25.49 1.23 13.82
N PRO A 90 -25.35 -0.02 13.31
CA PRO A 90 -24.48 -0.26 12.15
C PRO A 90 -25.14 -0.03 10.79
N LEU A 91 -24.47 0.71 9.90
CA LEU A 91 -24.96 0.96 8.54
C LEU A 91 -23.82 0.69 7.54
N GLU A 92 -24.03 -0.28 6.64
CA GLU A 92 -23.02 -0.60 5.64
C GLU A 92 -23.05 0.42 4.50
N VAL A 93 -21.88 0.90 4.11
CA VAL A 93 -21.76 1.89 3.05
C VAL A 93 -20.71 1.42 2.06
N PRO A 94 -21.09 0.98 0.86
CA PRO A 94 -20.07 0.62 -0.14
C PRO A 94 -19.28 1.84 -0.57
N VAL A 95 -18.00 1.63 -0.85
CA VAL A 95 -17.13 2.69 -1.36
C VAL A 95 -16.32 2.19 -2.55
N PHE A 96 -15.79 3.16 -3.31
CA PHE A 96 -15.00 2.90 -4.52
C PHE A 96 -13.87 1.92 -4.25
N SER A 97 -13.81 0.85 -5.04
CA SER A 97 -12.86 -0.25 -4.86
C SER A 97 -11.88 -0.27 -6.04
N ALA A 98 -10.66 0.21 -5.79
CA ALA A 98 -9.58 0.23 -6.79
C ALA A 98 -8.81 -1.08 -6.74
N SER A 99 -9.19 -2.04 -7.58
CA SER A 99 -8.51 -3.33 -7.62
C SER A 99 -7.34 -3.28 -8.60
N GLU A 100 -6.18 -3.77 -8.14
CA GLU A 100 -5.00 -3.75 -9.02
C GLU A 100 -5.12 -4.77 -10.15
N ASN A 101 -5.88 -5.84 -9.94
CA ASN A 101 -5.98 -6.90 -10.94
C ASN A 101 -7.10 -6.67 -11.96
N THR A 102 -7.88 -5.59 -11.84
CA THR A 102 -8.81 -5.26 -12.90
C THR A 102 -8.60 -3.88 -13.48
N PHE A 103 -8.22 -2.90 -12.65
CA PHE A 103 -8.21 -1.53 -13.12
C PHE A 103 -7.04 -1.27 -14.07
N ARG A 104 -7.35 -0.66 -15.21
CA ARG A 104 -6.43 -0.11 -16.18
C ARG A 104 -6.67 1.38 -16.33
N PRO A 105 -5.62 2.20 -16.51
CA PRO A 105 -4.20 1.88 -16.72
C PRO A 105 -3.48 1.29 -15.51
N THR A 106 -3.86 1.68 -14.29
CA THR A 106 -3.28 1.11 -13.08
C THR A 106 -4.09 1.60 -11.89
N ALA A 107 -4.33 0.70 -10.93
CA ALA A 107 -5.12 1.06 -9.76
C ALA A 107 -4.53 2.25 -9.01
N MET A 108 -3.23 2.48 -9.12
CA MET A 108 -2.63 3.63 -8.45
C MET A 108 -3.27 4.94 -8.87
N MET A 109 -3.75 5.02 -10.12
CA MET A 109 -4.36 6.26 -10.57
C MET A 109 -5.68 6.53 -9.87
N TYR A 110 -6.35 5.49 -9.39
CA TYR A 110 -7.67 5.65 -8.82
C TYR A 110 -7.66 5.64 -7.30
N ARG A 111 -6.48 5.53 -6.68
CA ARG A 111 -6.40 5.55 -5.23
C ARG A 111 -6.87 6.90 -4.68
N ASN A 112 -6.41 8.00 -5.29
CA ASN A 112 -6.84 9.32 -4.85
C ASN A 112 -8.33 9.52 -5.09
N LEU A 113 -8.88 8.92 -6.15
CA LEU A 113 -10.31 9.03 -6.40
C LEU A 113 -11.12 8.26 -5.37
N ALA A 114 -10.67 7.07 -5.00
CA ALA A 114 -11.31 6.36 -3.91
C ALA A 114 -11.22 7.15 -2.61
N ALA A 115 -10.07 7.78 -2.36
CA ALA A 115 -9.89 8.55 -1.14
C ALA A 115 -10.82 9.77 -1.09
N LEU A 116 -10.94 10.46 -2.23
CA LEU A 116 -11.91 11.55 -2.32
C LEU A 116 -13.32 11.05 -2.03
N ALA A 117 -13.73 9.96 -2.70
CA ALA A 117 -15.09 9.46 -2.53
C ALA A 117 -15.33 8.97 -1.11
N VAL A 118 -14.32 8.35 -0.48
CA VAL A 118 -14.46 7.91 0.90
C VAL A 118 -14.64 9.11 1.83
N GLU A 119 -13.77 10.12 1.68
CA GLU A 119 -13.86 11.32 2.51
C GLU A 119 -15.26 11.92 2.45
N GLU A 120 -15.78 12.16 1.25
CA GLU A 120 -17.07 12.82 1.17
C GLU A 120 -18.20 11.92 1.65
N ALA A 121 -18.06 10.60 1.50
CA ALA A 121 -19.09 9.71 2.00
C ALA A 121 -19.13 9.72 3.52
N ILE A 122 -17.99 9.96 4.17
CA ILE A 122 -17.94 10.05 5.63
C ILE A 122 -18.53 11.37 6.10
N ARG A 123 -17.96 12.49 5.66
CA ARG A 123 -18.37 13.79 6.17
C ARG A 123 -19.83 14.09 5.84
N GLY A 124 -20.32 13.64 4.69
CA GLY A 124 -21.62 14.03 4.22
C GLY A 124 -22.78 13.23 4.77
N GLN A 125 -22.54 12.21 5.56
CA GLN A 125 -23.61 11.33 6.00
C GLN A 125 -23.56 11.15 7.51
N PRO A 126 -24.67 10.74 8.13
CA PRO A 126 -24.76 10.72 9.60
C PRO A 126 -24.03 9.57 10.27
N MET A 127 -22.73 9.48 10.08
CA MET A 127 -21.98 8.46 10.79
C MET A 127 -21.06 9.10 11.83
N ASP A 128 -20.91 8.43 12.97
CA ASP A 128 -20.06 8.89 14.07
C ASP A 128 -18.71 8.19 14.11
N GLY A 129 -18.61 6.99 13.53
CA GLY A 129 -17.37 6.26 13.50
C GLY A 129 -17.36 5.40 12.26
N CYS A 130 -16.20 4.80 11.97
CA CYS A 130 -15.94 4.15 10.70
C CYS A 130 -15.23 2.84 10.90
N VAL A 131 -15.72 1.80 10.24
CA VAL A 131 -14.94 0.57 10.08
C VAL A 131 -14.50 0.52 8.62
N LEU A 132 -13.19 0.42 8.41
CA LEU A 132 -12.56 0.42 7.08
C LEU A 132 -12.34 -1.05 6.69
N LEU A 133 -13.25 -1.60 5.87
CA LEU A 133 -13.17 -2.97 5.37
C LEU A 133 -12.35 -2.96 4.08
N VAL A 134 -11.12 -3.46 4.14
CA VAL A 134 -10.14 -3.31 3.07
C VAL A 134 -9.42 -4.63 2.81
N GLY A 135 -8.59 -4.63 1.76
CA GLY A 135 -7.92 -5.84 1.30
C GLY A 135 -6.99 -5.60 0.12
N CYS A 136 -7.54 -5.52 -1.09
N CYS A 136 -7.55 -5.52 -1.09
CA CYS A 136 -6.70 -5.42 -2.29
CA CYS A 136 -6.76 -5.34 -2.30
C CYS A 136 -5.84 -4.16 -2.24
C CYS A 136 -5.78 -4.18 -2.14
N ASP A 137 -4.63 -4.29 -2.80
CA ASP A 137 -3.57 -3.29 -2.79
C ASP A 137 -3.91 -1.87 -2.36
N THR A 139 -6.84 -0.40 -1.61
CA THR A 139 -8.02 -0.13 -0.79
C THR A 139 -7.57 0.43 0.57
N THR A 140 -6.61 -0.28 1.21
CA THR A 140 -6.13 0.13 2.53
C THR A 140 -5.69 1.60 2.51
N PRO A 141 -4.75 2.03 1.66
CA PRO A 141 -4.37 3.45 1.72
C PRO A 141 -5.51 4.41 1.38
N SER A 142 -6.33 4.12 0.37
CA SER A 142 -7.35 5.10 0.02
C SER A 142 -8.38 5.26 1.14
N LEU A 143 -8.71 4.19 1.85
CA LEU A 143 -9.67 4.35 2.95
C LEU A 143 -9.03 5.09 4.12
N LEU A 144 -7.78 4.76 4.47
CA LEU A 144 -7.10 5.51 5.52
C LEU A 144 -6.92 6.98 5.13
N MET A 145 -6.59 7.25 3.86
CA MET A 145 -6.45 8.64 3.44
C MET A 145 -7.74 9.41 3.60
N GLY A 146 -8.86 8.83 3.14
CA GLY A 146 -10.13 9.52 3.23
C GLY A 146 -10.60 9.63 4.68
N ALA A 147 -10.43 8.56 5.46
CA ALA A 147 -10.83 8.61 6.86
C ALA A 147 -9.97 9.61 7.64
N ALA A 148 -8.67 9.67 7.35
CA ALA A 148 -7.81 10.59 8.08
C ALA A 148 -8.17 12.05 7.79
N SER A 149 -8.71 12.34 6.61
CA SER A 149 -9.09 13.72 6.30
C SER A 149 -10.38 14.15 6.96
N CYS A 150 -11.07 13.24 7.64
CA CYS A 150 -12.25 13.55 8.43
C CYS A 150 -12.00 13.48 9.93
N ASP A 151 -11.12 12.57 10.35
CA ASP A 151 -10.70 12.40 11.75
C ASP A 151 -11.86 12.00 12.64
N LEU A 152 -12.76 11.17 12.13
CA LEU A 152 -13.66 10.49 13.04
C LEU A 152 -13.02 9.20 13.52
N PRO A 153 -13.37 8.71 14.71
CA PRO A 153 -12.83 7.41 15.14
C PRO A 153 -13.04 6.36 14.06
N SER A 154 -11.95 5.69 13.69
CA SER A 154 -11.93 4.76 12.57
C SER A 154 -11.06 3.59 12.95
N ILE A 155 -11.36 2.44 12.36
CA ILE A 155 -10.62 1.22 12.64
C ILE A 155 -10.63 0.38 11.37
N VAL A 156 -9.52 -0.33 11.12
CA VAL A 156 -9.31 -1.07 9.88
C VAL A 156 -9.60 -2.55 10.14
N VAL A 157 -10.39 -3.16 9.25
CA VAL A 157 -10.50 -4.62 9.16
C VAL A 157 -9.90 -5.06 7.84
N THR A 158 -8.96 -6.00 7.90
CA THR A 158 -8.25 -6.47 6.73
C THR A 158 -8.87 -7.77 6.24
N GLY A 159 -9.02 -7.89 4.92
CA GLY A 159 -9.60 -9.10 4.36
C GLY A 159 -8.78 -10.33 4.67
N GLY A 160 -7.47 -10.24 4.45
CA GLY A 160 -6.60 -11.38 4.66
C GLY A 160 -6.12 -12.01 3.36
N PRO A 161 -4.97 -12.68 3.41
CA PRO A 161 -4.37 -13.23 2.19
C PRO A 161 -5.02 -14.53 1.74
N MET A 162 -4.79 -14.86 0.47
CA MET A 162 -5.18 -16.16 -0.02
C MET A 162 -4.34 -17.26 0.64
N LEU A 163 -4.91 -18.45 0.70
CA LEU A 163 -4.15 -19.63 1.09
C LEU A 163 -2.97 -19.87 0.14
N ASN A 164 -2.04 -20.71 0.59
CA ASN A 164 -0.98 -21.20 -0.28
C ASN A 164 -1.55 -21.87 -1.52
N GLY A 165 -0.95 -21.57 -2.67
CA GLY A 165 -1.24 -22.32 -3.88
C GLY A 165 -0.39 -23.59 -3.95
N TYR A 166 -1.03 -24.70 -4.31
CA TYR A 166 -0.34 -25.97 -4.51
C TYR A 166 -0.72 -26.49 -5.89
N PHE A 167 0.25 -26.48 -6.81
CA PHE A 167 0.12 -27.07 -8.15
C PHE A 167 1.16 -28.18 -8.33
N ARG A 168 0.71 -29.44 -8.26
CA ARG A 168 1.48 -30.68 -8.44
C ARG A 168 2.19 -31.13 -7.18
N GLY A 169 1.91 -30.52 -6.02
CA GLY A 169 2.57 -30.89 -4.78
C GLY A 169 3.73 -30.00 -4.37
N GLU A 170 3.79 -28.76 -4.86
CA GLU A 170 4.83 -27.81 -4.47
C GLU A 170 4.20 -26.45 -4.20
N ARG A 171 4.83 -25.70 -3.30
CA ARG A 171 4.33 -24.39 -2.90
C ARG A 171 4.55 -23.39 -4.03
N VAL A 172 3.45 -22.84 -4.55
CA VAL A 172 3.49 -21.74 -5.50
C VAL A 172 2.80 -20.53 -4.88
N GLY A 173 3.46 -19.37 -4.95
CA GLY A 173 2.86 -18.13 -4.48
C GLY A 173 1.86 -17.58 -5.49
N SER A 174 1.43 -16.34 -5.23
CA SER A 174 0.55 -15.63 -6.15
C SER A 174 1.37 -14.63 -6.94
N GLY A 175 1.40 -14.80 -8.27
CA GLY A 175 2.20 -13.98 -9.15
C GLY A 175 3.62 -14.47 -9.37
N THR A 176 4.11 -15.37 -8.52
CA THR A 176 5.45 -15.92 -8.71
C THR A 176 5.51 -16.70 -10.01
N HIS A 177 4.81 -17.84 -10.06
CA HIS A 177 4.91 -18.76 -11.20
C HIS A 177 4.13 -18.30 -12.43
N LEU A 178 3.99 -16.98 -12.62
CA LEU A 178 3.39 -16.49 -13.87
C LEU A 178 4.32 -16.76 -15.05
N TRP A 179 5.63 -16.83 -14.81
CA TRP A 179 6.60 -17.05 -15.88
C TRP A 179 6.55 -18.49 -16.38
N LYS A 180 6.66 -19.46 -15.47
CA LYS A 180 6.73 -20.86 -15.88
C LYS A 180 5.48 -21.33 -16.63
N PHE A 181 4.28 -20.89 -16.20
CA PHE A 181 3.07 -21.44 -16.81
C PHE A 181 2.73 -20.79 -18.13
N SER A 182 3.16 -19.55 -18.36
CA SER A 182 3.02 -18.95 -19.68
C SER A 182 4.11 -19.44 -20.63
N GLU A 183 5.32 -19.62 -20.12
CA GLU A 183 6.41 -20.17 -20.93
C GLU A 183 6.07 -21.58 -21.41
N MET A 184 5.39 -22.36 -20.57
CA MET A 184 5.13 -23.76 -20.88
C MET A 184 3.87 -23.96 -21.72
N VAL A 185 2.90 -23.03 -21.66
CA VAL A 185 1.71 -23.21 -22.49
C VAL A 185 2.06 -23.00 -23.96
N LYS A 186 3.05 -22.16 -24.26
CA LYS A 186 3.49 -21.91 -25.63
C LYS A 186 4.60 -22.87 -26.06
N ALA A 187 5.60 -23.10 -25.19
CA ALA A 187 6.65 -24.08 -25.47
C ALA A 187 6.16 -25.54 -25.36
N GLY A 188 4.85 -25.80 -25.32
CA GLY A 188 4.30 -27.13 -25.42
C GLY A 188 4.62 -28.11 -24.30
N GLU A 189 5.26 -27.63 -23.23
CA GLU A 189 5.63 -28.49 -22.10
C GLU A 189 4.46 -28.80 -21.18
N MET A 190 3.22 -28.43 -21.56
CA MET A 190 2.03 -28.86 -20.85
C MET A 190 0.79 -28.63 -21.71
N THR A 191 -0.20 -29.50 -21.51
CA THR A 191 -1.49 -29.45 -22.20
C THR A 191 -2.16 -28.09 -21.97
N GLN A 192 -3.31 -27.89 -22.63
CA GLN A 192 -4.21 -26.81 -22.22
C GLN A 192 -5.10 -27.26 -21.06
N ALA A 193 -5.46 -28.54 -21.00
CA ALA A 193 -6.18 -29.05 -19.84
C ALA A 193 -5.29 -29.13 -18.61
N GLU A 194 -3.96 -29.29 -18.81
CA GLU A 194 -3.01 -29.18 -17.70
C GLU A 194 -2.87 -27.74 -17.23
N PHE A 195 -2.96 -26.79 -18.16
CA PHE A 195 -2.74 -25.38 -17.85
C PHE A 195 -3.90 -24.76 -17.08
N LEU A 196 -5.12 -25.23 -17.33
CA LEU A 196 -6.29 -24.71 -16.63
C LEU A 196 -6.32 -25.20 -15.18
N GLU A 197 -5.81 -26.41 -14.90
CA GLU A 197 -5.64 -26.82 -13.51
C GLU A 197 -4.55 -26.02 -12.82
N ALA A 198 -3.50 -25.61 -13.55
CA ALA A 198 -2.41 -24.84 -12.96
C ALA A 198 -2.88 -23.45 -12.53
N GLU A 199 -3.64 -22.77 -13.38
CA GLU A 199 -4.14 -21.44 -13.06
C GLU A 199 -5.12 -21.50 -11.89
N ALA A 200 -5.95 -22.54 -11.84
CA ALA A 200 -6.94 -22.71 -10.79
C ALA A 200 -6.31 -23.06 -9.44
N SER A 201 -4.99 -23.25 -9.38
CA SER A 201 -4.31 -23.57 -8.14
C SER A 201 -3.46 -22.42 -7.62
N MET A 202 -3.27 -21.36 -8.41
CA MET A 202 -2.50 -20.21 -7.95
C MET A 202 -3.31 -19.31 -7.02
N SER A 203 -4.60 -19.14 -7.30
CA SER A 203 -5.49 -18.24 -6.57
C SER A 203 -6.74 -19.04 -6.19
N ARG A 204 -6.63 -19.83 -5.11
CA ARG A 204 -7.57 -20.90 -4.81
C ARG A 204 -8.36 -20.67 -3.51
N SER A 205 -8.37 -19.44 -3.00
CA SER A 205 -9.31 -19.05 -1.95
C SER A 205 -9.49 -17.54 -2.04
N SER A 206 -10.53 -17.04 -1.37
CA SER A 206 -10.77 -15.60 -1.35
C SER A 206 -9.69 -14.89 -0.53
N GLY A 207 -9.19 -13.79 -1.04
CA GLY A 207 -8.17 -13.05 -0.33
C GLY A 207 -7.19 -12.37 -1.28
N THR A 208 -6.18 -11.77 -0.68
CA THR A 208 -5.18 -10.97 -1.38
C THR A 208 -3.93 -11.80 -1.69
N CYS A 209 -2.99 -11.18 -2.40
N CYS A 209 -2.99 -11.17 -2.40
CA CYS A 209 -1.75 -11.85 -2.77
CA CYS A 209 -1.72 -11.80 -2.74
C CYS A 209 -1.01 -12.33 -1.52
C CYS A 209 -1.01 -12.33 -1.49
N ASN A 210 -0.68 -13.62 -1.51
CA ASN A 210 -0.14 -14.29 -0.33
C ASN A 210 1.40 -14.23 -0.22
N THR A 211 2.04 -13.31 -0.94
CA THR A 211 3.43 -13.00 -0.67
C THR A 211 3.49 -11.69 0.13
N MET A 212 4.70 -11.19 0.37
CA MET A 212 4.86 -9.90 1.02
C MET A 212 4.78 -8.78 -0.04
N GLY A 213 3.66 -8.81 -0.77
CA GLY A 213 3.33 -7.79 -1.73
C GLY A 213 2.67 -6.60 -1.07
N THR A 214 2.08 -5.74 -1.92
CA THR A 214 1.53 -4.48 -1.42
C THR A 214 0.38 -4.71 -0.44
N ALA A 215 -0.44 -5.74 -0.68
CA ALA A 215 -1.58 -5.99 0.20
C ALA A 215 -1.12 -6.45 1.58
N SER A 216 -0.24 -7.45 1.64
CA SER A 216 0.31 -7.88 2.92
C SER A 216 1.10 -6.77 3.60
N THR A 217 1.77 -5.95 2.82
CA THR A 217 2.55 -4.87 3.40
C THR A 217 1.64 -3.80 3.98
N MET A 218 0.54 -3.48 3.30
CA MET A 218 -0.34 -2.42 3.78
C MET A 218 -1.22 -2.90 4.93
N ALA A 219 -1.57 -4.17 4.96
CA ALA A 219 -2.20 -4.72 6.15
C ALA A 219 -1.25 -4.62 7.35
N SER A 220 0.02 -4.95 7.12
CA SER A 220 1.02 -4.82 8.18
C SER A 220 1.21 -3.37 8.59
N MET A 221 1.19 -2.45 7.64
CA MET A 221 1.31 -1.04 7.98
C MET A 221 0.12 -0.57 8.83
N ALA A 222 -1.07 -1.08 8.54
CA ALA A 222 -2.23 -0.68 9.32
C ALA A 222 -2.11 -1.16 10.76
N GLU A 223 -1.70 -2.42 10.95
CA GLU A 223 -1.55 -2.96 12.30
C GLU A 223 -0.40 -2.27 13.04
N ALA A 224 0.71 -1.98 12.33
CA ALA A 224 1.86 -1.36 12.99
C ALA A 224 1.58 0.09 13.34
N LEU A 225 0.81 0.79 12.51
CA LEU A 225 0.32 2.12 12.87
C LEU A 225 -0.67 2.09 14.03
N GLY A 226 -1.12 0.90 14.45
CA GLY A 226 -2.11 0.78 15.51
C GLY A 226 -3.55 1.04 15.10
N MET A 227 -3.83 1.06 13.80
CA MET A 227 -5.17 1.37 13.30
C MET A 227 -6.02 0.12 13.13
N ALA A 228 -5.53 -1.05 13.54
CA ALA A 228 -6.29 -2.27 13.52
C ALA A 228 -5.99 -3.07 14.77
N LEU A 229 -6.93 -3.92 15.19
CA LEU A 229 -6.68 -4.79 16.32
C LEU A 229 -5.41 -5.60 16.10
N SER A 230 -4.72 -5.92 17.19
CA SER A 230 -3.48 -6.67 17.08
C SER A 230 -3.73 -8.07 16.53
N GLY A 231 -2.93 -8.47 15.55
CA GLY A 231 -3.11 -9.74 14.88
C GLY A 231 -3.84 -9.63 13.56
N ASN A 232 -4.15 -8.42 13.12
CA ASN A 232 -5.05 -8.23 11.97
C ASN A 232 -4.40 -8.60 10.64
N ALA A 233 -3.07 -8.44 10.48
CA ALA A 233 -2.49 -8.42 9.15
C ALA A 233 -2.48 -9.80 8.48
N ALA A 234 -2.17 -10.86 9.23
CA ALA A 234 -1.79 -12.13 8.62
C ALA A 234 -2.86 -13.22 8.63
N ILE A 235 -4.03 -12.98 9.22
CA ILE A 235 -5.02 -14.06 9.21
C ILE A 235 -5.48 -14.32 7.77
N PRO A 236 -5.39 -15.56 7.27
CA PRO A 236 -5.95 -15.87 5.96
C PRO A 236 -7.40 -15.39 5.87
N GLY A 237 -7.74 -14.77 4.73
CA GLY A 237 -9.06 -14.17 4.52
C GLY A 237 -10.19 -15.12 4.82
N VAL A 238 -9.80 -16.37 4.92
CA VAL A 238 -10.69 -17.51 4.92
C VAL A 238 -10.69 -18.27 6.24
N ASP A 239 -9.77 -17.92 7.14
CA ASP A 239 -9.72 -18.49 8.48
C ASP A 239 -10.90 -18.03 9.33
N SER A 240 -11.43 -18.93 10.16
CA SER A 240 -12.48 -18.53 11.11
C SER A 240 -12.10 -17.29 11.91
N ARG A 241 -10.83 -17.18 12.29
CA ARG A 241 -10.46 -16.12 13.21
C ARG A 241 -10.46 -14.77 12.55
N ARG A 242 -10.54 -14.72 11.23
CA ARG A 242 -10.75 -13.43 10.60
C ARG A 242 -12.17 -12.92 10.82
N LYS A 243 -13.15 -13.83 10.88
CA LYS A 243 -14.51 -13.40 11.19
C LYS A 243 -14.61 -12.95 12.64
N VAL A 244 -14.00 -13.72 13.56
CA VAL A 244 -13.93 -13.34 14.97
C VAL A 244 -13.40 -11.92 15.12
N MET A 245 -12.28 -11.62 14.46
CA MET A 245 -11.69 -10.31 14.64
C MET A 245 -12.59 -9.22 14.05
N ALA A 246 -13.34 -9.56 13.00
CA ALA A 246 -14.30 -8.60 12.46
C ALA A 246 -15.36 -8.26 13.49
N GLN A 247 -15.92 -9.27 14.17
CA GLN A 247 -16.95 -8.99 15.16
C GLN A 247 -16.39 -8.21 16.35
N LEU A 248 -15.22 -8.61 16.89
CA LEU A 248 -14.56 -7.82 17.93
C LEU A 248 -14.31 -6.39 17.47
N THR A 249 -14.02 -6.21 16.18
CA THR A 249 -13.81 -4.85 15.70
C THR A 249 -15.10 -4.05 15.77
N GLY A 250 -16.24 -4.70 15.51
CA GLY A 250 -17.51 -4.00 15.54
C GLY A 250 -17.89 -3.58 16.96
N ARG A 251 -17.64 -4.46 17.93
CA ARG A 251 -17.77 -4.09 19.34
C ARG A 251 -16.90 -2.88 19.67
N ARG A 252 -15.65 -2.89 19.22
CA ARG A 252 -14.67 -1.91 19.69
C ARG A 252 -14.96 -0.51 19.15
N ILE A 253 -15.41 -0.40 17.90
CA ILE A 253 -15.55 0.94 17.30
C ILE A 253 -16.65 1.74 17.99
N VAL A 254 -17.60 1.06 18.65
CA VAL A 254 -18.63 1.76 19.41
C VAL A 254 -18.03 2.44 20.62
N GLN A 255 -17.22 1.70 21.39
CA GLN A 255 -16.48 2.32 22.48
C GLN A 255 -15.57 3.44 21.97
N MET A 256 -14.91 3.24 20.82
CA MET A 256 -14.01 4.28 20.33
C MET A 256 -14.77 5.55 20.01
N VAL A 257 -16.01 5.45 19.53
CA VAL A 257 -16.78 6.66 19.27
C VAL A 257 -17.08 7.38 20.57
N LYS A 258 -17.49 6.62 21.60
CA LYS A 258 -17.77 7.20 22.92
C LYS A 258 -16.55 7.91 23.48
N ASP A 259 -15.37 7.26 23.41
CA ASP A 259 -14.12 7.84 23.90
C ASP A 259 -13.54 8.88 22.96
N ASP A 260 -14.08 9.02 21.76
CA ASP A 260 -13.53 9.89 20.71
C ASP A 260 -12.05 9.59 20.46
N LEU A 261 -11.73 8.30 20.33
CA LEU A 261 -10.39 7.87 19.97
C LEU A 261 -10.21 8.00 18.45
N LYS A 262 -9.68 9.16 18.03
CA LYS A 262 -9.60 9.59 16.65
C LYS A 262 -8.30 9.13 15.99
N PRO A 263 -8.27 9.07 14.65
CA PRO A 263 -7.03 8.66 13.96
C PRO A 263 -5.87 9.59 14.23
N SER A 264 -6.13 10.89 14.36
CA SER A 264 -5.06 11.84 14.67
C SER A 264 -4.40 11.55 16.02
N GLU A 265 -5.05 10.81 16.92
CA GLU A 265 -4.41 10.39 18.15
C GLU A 265 -3.70 9.04 18.03
N ILE A 266 -3.87 8.33 16.92
CA ILE A 266 -3.20 7.05 16.73
C ILE A 266 -2.04 7.18 15.76
N MET A 267 -2.26 7.90 14.67
CA MET A 267 -1.23 8.06 13.64
C MET A 267 -0.41 9.30 13.97
N THR A 268 0.38 9.15 15.02
CA THR A 268 1.40 10.09 15.43
C THR A 268 2.70 9.80 14.70
N LYS A 269 3.55 10.82 14.60
CA LYS A 269 4.89 10.63 14.04
C LYS A 269 5.60 9.41 14.61
N GLN A 270 5.36 9.09 15.88
CA GLN A 270 5.95 7.88 16.45
C GLN A 270 5.33 6.61 15.86
N ALA A 271 4.04 6.65 15.51
CA ALA A 271 3.42 5.46 14.93
C ALA A 271 3.92 5.23 13.52
N PHE A 272 4.05 6.31 12.73
CA PHE A 272 4.62 6.18 11.40
C PHE A 272 6.04 5.60 11.45
N GLU A 273 6.85 6.03 12.42
CA GLU A 273 8.18 5.47 12.58
C GLU A 273 8.10 3.98 12.91
N ASN A 274 7.15 3.59 13.76
CA ASN A 274 6.96 2.17 14.02
C ASN A 274 6.62 1.40 12.75
N ALA A 275 5.86 2.04 11.84
CA ALA A 275 5.50 1.37 10.60
C ALA A 275 6.71 1.24 9.69
N ILE A 276 7.48 2.32 9.55
CA ILE A 276 8.71 2.29 8.77
C ILE A 276 9.62 1.15 9.22
N ARG A 277 9.85 1.04 10.53
CA ARG A 277 10.73 -0.03 11.00
C ARG A 277 10.08 -1.39 10.79
N THR A 278 8.76 -1.45 10.88
CA THR A 278 8.09 -2.73 10.62
C THR A 278 8.22 -3.13 9.16
N ASN A 279 8.14 -2.14 8.26
CA ASN A 279 8.33 -2.42 6.85
C ASN A 279 9.70 -3.04 6.60
N ALA A 280 10.75 -2.42 7.17
CA ALA A 280 12.08 -3.02 7.13
C ALA A 280 12.06 -4.45 7.69
N ALA A 281 11.50 -4.63 8.88
CA ALA A 281 11.56 -5.96 9.49
C ALA A 281 10.82 -7.00 8.66
N ILE A 282 9.77 -6.60 7.94
CA ILE A 282 9.02 -7.58 7.13
C ILE A 282 9.47 -7.63 5.69
N GLY A 283 10.36 -6.75 5.25
CA GLY A 283 10.78 -6.76 3.87
C GLY A 283 9.62 -6.39 2.98
N GLY A 284 9.00 -5.27 3.31
CA GLY A 284 7.74 -4.90 2.72
C GLY A 284 7.89 -4.17 1.42
N SER A 285 6.77 -4.06 0.72
CA SER A 285 6.76 -3.45 -0.60
C SER A 285 7.26 -2.01 -0.55
N THR A 286 8.00 -1.62 -1.58
CA THR A 286 8.34 -0.21 -1.75
C THR A 286 7.12 0.66 -1.96
N ASN A 287 5.94 0.06 -2.20
CA ASN A 287 4.73 0.87 -2.34
C ASN A 287 4.33 1.51 -1.02
N ALA A 288 4.67 0.86 0.10
CA ALA A 288 4.34 1.42 1.42
C ALA A 288 4.94 2.81 1.61
N VAL A 289 6.07 3.09 0.97
CA VAL A 289 6.66 4.42 1.07
C VAL A 289 5.68 5.46 0.52
N ILE A 290 5.17 5.22 -0.69
CA ILE A 290 4.27 6.18 -1.31
C ILE A 290 3.00 6.34 -0.48
N HIS A 291 2.46 5.23 0.02
CA HIS A 291 1.18 5.29 0.70
C HIS A 291 1.29 5.93 2.08
N LEU A 292 2.30 5.55 2.88
CA LEU A 292 2.45 6.17 4.19
C LEU A 292 2.69 7.67 4.08
N LEU A 293 3.50 8.10 3.10
CA LEU A 293 3.65 9.53 2.88
C LEU A 293 2.32 10.19 2.55
N ALA A 294 1.44 9.48 1.84
CA ALA A 294 0.13 10.04 1.50
C ALA A 294 -0.77 10.09 2.72
N ILE A 295 -0.79 9.02 3.51
CA ILE A 295 -1.63 9.01 4.70
C ILE A 295 -1.16 10.08 5.69
N ALA A 296 0.16 10.18 5.91
CA ALA A 296 0.67 11.21 6.83
C ALA A 296 0.28 12.61 6.36
N GLY A 297 0.25 12.84 5.05
CA GLY A 297 -0.16 14.14 4.55
C GLY A 297 -1.63 14.46 4.77
N ARG A 298 -2.45 13.47 5.11
CA ARG A 298 -3.84 13.69 5.45
C ARG A 298 -4.00 13.96 6.94
N VAL A 299 -3.31 13.18 7.77
CA VAL A 299 -3.31 13.43 9.20
C VAL A 299 -2.66 14.76 9.54
N GLY A 300 -1.66 15.19 8.77
CA GLY A 300 -0.92 16.39 9.07
C GLY A 300 0.38 16.17 9.81
N ILE A 301 0.85 14.92 9.90
CA ILE A 301 2.19 14.63 10.37
C ILE A 301 3.21 15.05 9.32
N ASP A 302 4.34 15.60 9.77
CA ASP A 302 5.47 15.89 8.90
C ASP A 302 6.30 14.60 8.76
N LEU A 303 6.08 13.90 7.66
CA LEU A 303 6.82 12.68 7.33
C LEU A 303 7.39 12.86 5.93
N SER A 304 8.63 12.41 5.73
CA SER A 304 9.34 12.68 4.49
C SER A 304 10.08 11.44 4.05
N LEU A 305 10.53 11.47 2.79
CA LEU A 305 11.43 10.43 2.32
C LEU A 305 12.61 10.25 3.26
N ASP A 306 13.12 11.35 3.83
CA ASP A 306 14.28 11.22 4.70
C ASP A 306 13.94 10.43 5.96
N ASP A 307 12.72 10.60 6.50
CA ASP A 307 12.30 9.78 7.63
C ASP A 307 12.36 8.28 7.28
N TRP A 308 11.95 7.94 6.05
CA TRP A 308 12.06 6.55 5.62
C TRP A 308 13.51 6.08 5.61
N ASP A 309 14.42 6.97 5.20
CA ASP A 309 15.83 6.61 5.14
C ASP A 309 16.40 6.43 6.54
N ARG A 310 16.27 7.45 7.40
CA ARG A 310 16.90 7.37 8.72
C ARG A 310 16.28 6.26 9.57
N CYS A 311 14.95 6.12 9.56
CA CYS A 311 14.34 5.11 10.42
C CYS A 311 14.46 3.69 9.87
N GLY A 312 14.75 3.54 8.57
CA GLY A 312 14.94 2.22 8.00
C GLY A 312 16.28 1.57 8.29
N ARG A 313 17.29 2.36 8.66
CA ARG A 313 18.64 1.82 8.82
C ARG A 313 18.73 0.80 9.93
N ASP A 314 19.51 -0.25 9.69
CA ASP A 314 19.93 -1.19 10.73
C ASP A 314 18.74 -1.91 11.35
N VAL A 315 17.75 -2.23 10.52
CA VAL A 315 16.62 -3.05 10.94
C VAL A 315 16.66 -4.28 10.06
N PRO A 316 17.08 -5.43 10.59
CA PRO A 316 17.15 -6.62 9.74
C PRO A 316 15.76 -7.07 9.31
N THR A 317 15.65 -7.60 8.08
CA THR A 317 14.38 -8.21 7.68
C THR A 317 14.37 -9.63 8.19
N ILE A 318 13.32 -9.97 8.91
CA ILE A 318 13.27 -11.18 9.72
C ILE A 318 12.23 -12.18 9.22
N VAL A 319 11.27 -11.76 8.42
CA VAL A 319 10.20 -12.66 7.98
C VAL A 319 10.62 -13.32 6.66
N ASN A 320 10.62 -14.65 6.67
CA ASN A 320 11.20 -15.46 5.61
C ASN A 320 10.12 -15.79 4.57
N LEU A 321 9.74 -14.74 3.82
CA LEU A 321 8.63 -14.80 2.87
C LEU A 321 9.05 -14.26 1.50
N MET A 322 8.56 -14.88 0.44
CA MET A 322 8.75 -14.34 -0.90
C MET A 322 8.24 -12.90 -0.95
N PRO A 323 8.84 -12.04 -1.81
CA PRO A 323 9.92 -12.32 -2.75
C PRO A 323 11.31 -12.53 -2.09
N SER A 324 11.58 -11.80 -1.00
CA SER A 324 12.89 -11.86 -0.34
C SER A 324 13.25 -13.25 0.18
N GLY A 325 12.27 -14.14 0.35
CA GLY A 325 12.48 -15.39 1.09
C GLY A 325 11.75 -16.62 0.59
N LYS A 326 11.41 -17.53 1.51
CA LYS A 326 11.01 -18.89 1.17
C LYS A 326 9.52 -19.20 1.31
N TYR A 327 8.83 -18.71 2.35
CA TYR A 327 7.47 -19.12 2.68
C TYR A 327 6.42 -18.09 2.20
N LEU A 328 5.15 -18.31 2.59
CA LEU A 328 4.02 -17.44 2.24
C LEU A 328 3.22 -17.06 3.49
N MET A 329 2.21 -16.20 3.32
CA MET A 329 1.53 -15.57 4.46
C MET A 329 0.93 -16.58 5.42
N GLU A 330 0.41 -17.70 4.91
CA GLU A 330 -0.08 -18.77 5.78
C GLU A 330 0.91 -19.10 6.89
N GLU A 331 2.17 -19.32 6.50
CA GLU A 331 3.19 -19.70 7.47
C GLU A 331 3.53 -18.53 8.39
N PHE A 332 3.61 -17.32 7.83
CA PHE A 332 3.78 -16.13 8.65
C PHE A 332 2.71 -16.06 9.73
N PHE A 333 1.48 -16.45 9.40
CA PHE A 333 0.38 -16.39 10.37
C PHE A 333 0.55 -17.45 11.45
N TYR A 334 0.83 -18.70 11.07
CA TYR A 334 0.92 -19.78 12.03
C TYR A 334 2.07 -19.60 13.01
N ALA A 335 3.07 -18.79 12.63
CA ALA A 335 4.18 -18.48 13.50
C ALA A 335 3.89 -17.34 14.47
N GLY A 336 2.74 -16.68 14.35
CA GLY A 336 2.40 -15.55 15.20
C GLY A 336 2.25 -14.23 14.48
N GLY A 337 2.60 -14.15 13.19
CA GLY A 337 2.36 -12.96 12.40
C GLY A 337 3.01 -11.71 12.99
N LEU A 338 2.48 -10.56 12.58
CA LEU A 338 3.06 -9.25 12.87
C LEU A 338 3.33 -8.96 14.35
N PRO A 339 2.51 -9.43 15.31
CA PRO A 339 2.85 -9.13 16.72
C PRO A 339 4.23 -9.64 17.12
N VAL A 340 4.55 -10.89 16.79
CA VAL A 340 5.89 -11.42 17.03
C VAL A 340 6.96 -10.47 16.52
N VAL A 341 6.75 -9.91 15.32
CA VAL A 341 7.73 -9.00 14.74
C VAL A 341 7.79 -7.70 15.53
N LEU A 342 6.63 -7.22 16.00
CA LEU A 342 6.63 -5.96 16.74
C LEU A 342 7.28 -6.12 18.10
N LYS A 343 7.09 -7.28 18.72
CA LYS A 343 7.82 -7.60 19.95
C LYS A 343 9.31 -7.43 19.73
N ARG A 344 9.84 -8.09 18.70
CA ARG A 344 11.28 -8.10 18.46
C ARG A 344 11.82 -6.69 18.24
N LEU A 345 11.09 -5.87 17.48
CA LEU A 345 11.48 -4.47 17.37
C LEU A 345 11.47 -3.78 18.73
N GLY A 346 10.57 -4.20 19.62
CA GLY A 346 10.53 -3.60 20.96
C GLY A 346 11.68 -4.08 21.82
N GLU A 347 12.04 -5.36 21.70
CA GLU A 347 13.18 -5.94 22.37
C GLU A 347 14.51 -5.46 21.79
N ALA A 348 14.55 -4.33 21.11
CA ALA A 348 15.77 -3.91 20.45
C ALA A 348 15.88 -2.40 20.34
N GLY A 349 15.06 -1.63 21.06
CA GLY A 349 15.14 -0.19 21.03
C GLY A 349 14.64 0.43 19.76
N LEU A 350 13.96 -0.34 18.91
CA LEU A 350 13.47 0.15 17.62
C LEU A 350 12.01 0.59 17.66
N LEU A 351 11.22 0.01 18.55
CA LEU A 351 9.81 0.37 18.69
C LEU A 351 9.64 1.51 19.68
N HIS A 352 8.79 2.48 19.32
CA HIS A 352 8.18 3.37 20.30
C HIS A 352 7.12 2.59 21.07
N LYS A 353 7.47 2.11 22.28
CA LYS A 353 6.64 1.12 22.97
C LYS A 353 5.30 1.69 23.44
N ASP A 354 5.22 2.99 23.70
CA ASP A 354 4.04 3.59 24.31
C ASP A 354 3.08 4.19 23.29
N ALA A 355 3.23 3.84 22.01
CA ALA A 355 2.31 4.33 20.99
C ALA A 355 0.93 3.70 21.19
N LEU A 356 -0.08 4.56 21.16
CA LEU A 356 -1.45 4.14 21.38
C LEU A 356 -2.00 3.42 20.15
N THR A 357 -2.72 2.33 20.36
CA THR A 357 -3.46 1.64 19.32
C THR A 357 -4.97 1.84 19.48
N VAL A 358 -5.73 1.27 18.55
CA VAL A 358 -7.19 1.43 18.56
C VAL A 358 -7.82 0.61 19.68
N SER A 359 -7.11 -0.36 20.23
CA SER A 359 -7.66 -1.10 21.37
C SER A 359 -7.72 -0.25 22.64
N GLY A 360 -7.07 0.91 22.65
CA GLY A 360 -6.87 1.67 23.86
C GLY A 360 -5.57 1.39 24.58
N GLU A 361 -4.98 0.22 24.35
CA GLU A 361 -3.68 -0.14 24.89
C GLU A 361 -2.55 0.35 23.99
N THR A 362 -1.33 0.30 24.52
CA THR A 362 -0.14 0.62 23.74
C THR A 362 0.25 -0.57 22.89
N VAL A 363 1.00 -0.27 21.82
CA VAL A 363 1.45 -1.35 20.94
C VAL A 363 2.27 -2.36 21.72
N TRP A 364 3.17 -1.88 22.58
CA TRP A 364 4.00 -2.79 23.37
C TRP A 364 3.15 -3.66 24.29
N ASP A 365 2.14 -3.05 24.94
CA ASP A 365 1.26 -3.82 25.83
C ASP A 365 0.47 -4.88 25.05
N GLU A 366 0.18 -4.64 23.77
CA GLU A 366 -0.54 -5.63 22.97
C GLU A 366 0.35 -6.82 22.62
N VAL A 367 1.63 -6.57 22.31
CA VAL A 367 2.48 -7.61 21.72
C VAL A 367 3.42 -8.29 22.71
N LYS A 368 3.70 -7.68 23.87
CA LYS A 368 4.88 -8.04 24.64
C LYS A 368 4.89 -9.50 25.10
N ASP A 369 3.77 -10.20 25.10
CA ASP A 369 3.74 -11.56 25.62
C ASP A 369 3.56 -12.61 24.54
N VAL A 370 3.71 -12.25 23.26
CA VAL A 370 3.43 -13.23 22.20
C VAL A 370 4.66 -14.10 21.97
N VAL A 371 4.42 -15.30 21.44
CA VAL A 371 5.44 -16.33 21.28
C VAL A 371 5.66 -16.58 19.80
N ASN A 372 6.93 -16.67 19.39
CA ASN A 372 7.30 -17.08 18.05
C ASN A 372 7.23 -18.60 17.94
N TRP A 373 6.36 -19.11 17.08
CA TRP A 373 6.11 -20.54 16.98
C TRP A 373 6.77 -21.20 15.77
N ASN A 374 7.57 -20.46 14.99
CA ASN A 374 8.32 -21.10 13.91
C ASN A 374 9.44 -20.15 13.48
N GLU A 375 10.64 -20.39 14.02
CA GLU A 375 11.76 -19.51 13.74
C GLU A 375 12.35 -19.73 12.36
N ASP A 376 11.83 -20.71 11.60
CA ASP A 376 12.15 -20.81 10.18
C ASP A 376 11.54 -19.68 9.37
N VAL A 377 10.38 -19.16 9.80
CA VAL A 377 9.73 -18.09 9.05
C VAL A 377 9.87 -16.72 9.71
N ILE A 378 9.89 -16.64 11.05
CA ILE A 378 10.28 -15.40 11.72
C ILE A 378 11.65 -15.65 12.32
N LEU A 379 12.69 -15.21 11.61
CA LEU A 379 14.05 -15.69 11.86
C LEU A 379 14.63 -15.06 13.12
N PRO A 380 15.51 -15.77 13.83
CA PRO A 380 16.28 -15.10 14.89
C PRO A 380 17.22 -14.05 14.28
N ALA A 381 17.68 -13.13 15.14
CA ALA A 381 18.51 -12.03 14.66
C ALA A 381 19.75 -12.52 13.92
N GLU A 382 20.25 -13.70 14.28
CA GLU A 382 21.48 -14.24 13.68
C GLU A 382 21.24 -14.64 12.23
N LYS A 383 20.15 -15.36 11.94
CA LYS A 383 19.88 -15.93 10.63
C LYS A 383 19.07 -15.00 9.73
N ALA A 384 19.05 -13.70 10.00
CA ALA A 384 18.26 -12.76 9.22
C ALA A 384 18.72 -12.71 7.76
N LEU A 385 17.78 -12.32 6.88
CA LEU A 385 18.08 -12.27 5.45
C LEU A 385 19.01 -11.11 5.11
N THR A 386 18.70 -9.92 5.62
CA THR A 386 19.58 -8.76 5.52
C THR A 386 19.64 -8.16 6.91
N SER A 387 20.78 -7.54 7.25
CA SER A 387 20.93 -6.86 8.53
C SER A 387 20.41 -5.43 8.51
N SER A 388 20.24 -4.86 7.30
CA SER A 388 19.70 -3.51 7.09
C SER A 388 18.77 -3.54 5.88
N GLY A 389 17.64 -4.23 6.02
CA GLY A 389 16.71 -4.40 4.92
C GLY A 389 15.65 -3.31 4.80
N GLY A 390 15.91 -2.16 5.39
CA GLY A 390 15.07 -1.01 5.15
C GLY A 390 15.29 -0.49 3.74
N ILE A 391 14.47 0.43 3.37
CA ILE A 391 14.57 1.05 2.05
C ILE A 391 15.52 2.22 2.14
N VAL A 392 16.25 2.51 1.07
CA VAL A 392 17.18 3.63 1.06
C VAL A 392 16.71 4.69 0.07
N VAL A 393 16.98 5.94 0.40
CA VAL A 393 16.59 7.09 -0.40
C VAL A 393 17.84 7.67 -1.05
N LEU A 394 17.92 7.55 -2.38
CA LEU A 394 19.05 8.06 -3.14
C LEU A 394 18.77 9.48 -3.60
N ARG A 395 19.80 10.31 -3.60
CA ARG A 395 19.68 11.69 -4.06
C ARG A 395 20.87 12.02 -4.95
N GLY A 396 20.70 13.08 -5.73
CA GLY A 396 21.71 13.49 -6.68
C GLY A 396 21.05 14.30 -7.77
N ASN A 397 21.87 14.71 -8.74
CA ASN A 397 21.32 15.57 -9.78
C ASN A 397 20.26 14.85 -10.62
N LEU A 398 20.28 13.51 -10.63
CA LEU A 398 19.33 12.74 -11.41
C LEU A 398 18.01 12.55 -10.70
N ALA A 399 18.02 12.54 -9.36
CA ALA A 399 16.81 12.48 -8.54
C ALA A 399 16.90 13.56 -7.48
N PRO A 400 16.69 14.83 -7.86
CA PRO A 400 16.83 15.91 -6.86
C PRO A 400 15.80 15.84 -5.75
N LYS A 401 14.61 15.31 -6.00
CA LYS A 401 13.61 15.12 -4.96
C LYS A 401 13.55 13.69 -4.43
N GLY A 402 14.46 12.83 -4.88
CA GLY A 402 14.63 11.54 -4.22
C GLY A 402 14.22 10.37 -5.10
N ALA A 403 14.77 9.20 -4.78
CA ALA A 403 14.46 7.93 -5.41
C ALA A 403 14.70 6.85 -4.38
N VAL A 404 14.06 5.69 -4.56
CA VAL A 404 14.13 4.65 -3.54
C VAL A 404 14.62 3.35 -4.14
N LEU A 405 15.16 2.50 -3.28
CA LEU A 405 15.69 1.19 -3.65
C LEU A 405 15.64 0.28 -2.43
N LYS A 406 15.29 -0.99 -2.65
CA LYS A 406 15.24 -1.99 -1.59
C LYS A 406 16.53 -2.80 -1.62
N PRO A 407 17.47 -2.56 -0.70
CA PRO A 407 18.79 -3.21 -0.82
C PRO A 407 18.74 -4.71 -0.58
N SER A 408 17.79 -5.20 0.22
CA SER A 408 17.67 -6.63 0.41
C SER A 408 17.53 -7.35 -0.94
N ALA A 409 16.66 -6.84 -1.80
CA ALA A 409 16.37 -7.47 -3.09
C ALA A 409 17.40 -7.13 -4.16
N ALA A 410 18.50 -6.47 -3.82
CA ALA A 410 19.49 -6.09 -4.80
C ALA A 410 20.60 -7.12 -4.88
N SER A 411 21.56 -6.86 -5.77
CA SER A 411 22.76 -7.69 -5.91
C SER A 411 23.94 -6.96 -5.29
N PRO A 412 24.65 -7.59 -4.35
CA PRO A 412 25.77 -6.91 -3.69
C PRO A 412 26.70 -6.14 -4.61
N HIS A 413 27.16 -6.77 -5.69
CA HIS A 413 28.17 -6.13 -6.55
C HIS A 413 27.61 -4.98 -7.36
N LEU A 414 26.29 -4.80 -7.40
CA LEU A 414 25.66 -3.70 -8.12
C LEU A 414 25.20 -2.56 -7.21
N LEU A 415 25.35 -2.70 -5.88
CA LEU A 415 25.01 -1.60 -5.00
C LEU A 415 25.85 -0.37 -5.30
N VAL A 416 27.12 -0.55 -5.63
CA VAL A 416 27.96 0.51 -6.18
C VAL A 416 28.29 0.13 -7.61
N HIS A 417 27.80 0.93 -8.56
CA HIS A 417 27.91 0.58 -9.96
C HIS A 417 27.78 1.84 -10.80
N LYS A 418 28.72 2.05 -11.72
CA LYS A 418 28.58 3.05 -12.75
C LYS A 418 28.55 2.35 -14.10
N GLY A 419 27.76 2.90 -15.02
CA GLY A 419 27.56 2.29 -16.32
C GLY A 419 26.95 3.30 -17.26
N ARG A 420 26.83 2.91 -18.52
CA ARG A 420 26.29 3.78 -19.55
C ARG A 420 24.79 3.52 -19.72
N ALA A 421 24.06 4.60 -20.02
CA ALA A 421 22.61 4.54 -20.05
C ALA A 421 22.09 3.95 -21.35
N VAL A 422 21.19 2.98 -21.24
CA VAL A 422 20.29 2.61 -22.33
C VAL A 422 18.93 3.17 -21.96
N VAL A 423 18.43 4.08 -22.77
CA VAL A 423 17.22 4.84 -22.44
C VAL A 423 16.03 4.28 -23.21
N PHE A 424 14.90 4.18 -22.53
CA PHE A 424 13.62 3.87 -23.14
C PHE A 424 12.69 5.05 -22.90
N GLU A 425 12.25 5.70 -23.97
CA GLU A 425 11.56 6.98 -23.82
C GLU A 425 10.20 6.83 -23.15
N ASP A 426 9.61 5.64 -23.18
CA ASP A 426 8.41 5.34 -22.41
C ASP A 426 8.23 3.82 -22.40
N ILE A 427 7.07 3.36 -21.90
CA ILE A 427 6.87 1.93 -21.74
C ILE A 427 6.76 1.24 -23.10
N ASP A 428 6.20 1.93 -24.09
CA ASP A 428 6.09 1.33 -25.42
C ASP A 428 7.47 1.17 -26.04
N ASP A 429 8.30 2.22 -25.95
CA ASP A 429 9.69 2.14 -26.40
C ASP A 429 10.43 0.97 -25.76
N TYR A 430 10.20 0.72 -24.47
CA TYR A 430 10.88 -0.40 -23.81
C TYR A 430 10.48 -1.73 -24.44
N LYS A 431 9.17 -1.97 -24.61
CA LYS A 431 8.73 -3.26 -25.15
C LYS A 431 9.14 -3.44 -26.60
N ALA A 432 9.24 -2.35 -27.35
CA ALA A 432 9.76 -2.44 -28.71
C ALA A 432 11.23 -2.85 -28.74
N LYS A 433 12.05 -2.30 -27.84
CA LYS A 433 13.50 -2.44 -27.95
C LYS A 433 14.09 -3.61 -27.15
N ILE A 434 13.45 -4.04 -26.07
CA ILE A 434 14.16 -4.87 -25.10
C ILE A 434 14.53 -6.23 -25.70
N ASN A 435 13.60 -6.84 -26.43
CA ASN A 435 13.84 -8.18 -26.98
C ASN A 435 14.55 -8.15 -28.32
N ASP A 436 14.52 -7.01 -29.02
CA ASP A 436 15.28 -6.84 -30.25
C ASP A 436 16.76 -7.13 -30.02
N ASP A 437 17.29 -8.11 -30.76
CA ASP A 437 18.69 -8.50 -30.63
C ASP A 437 19.64 -7.46 -31.20
N ASN A 438 19.14 -6.46 -31.90
CA ASN A 438 19.99 -5.40 -32.46
C ASN A 438 20.38 -4.35 -31.42
N LEU A 439 19.83 -4.43 -30.20
CA LEU A 439 20.00 -3.36 -29.22
C LEU A 439 21.40 -3.39 -28.60
N ASP A 440 22.01 -2.21 -28.53
CA ASP A 440 23.39 -2.05 -28.05
C ASP A 440 23.40 -2.06 -26.52
N ILE A 441 23.54 -3.24 -25.93
CA ILE A 441 23.44 -3.34 -24.47
C ILE A 441 24.20 -4.55 -23.92
N ASP A 442 25.00 -4.33 -22.87
CA ASP A 442 25.57 -5.41 -22.08
C ASP A 442 25.15 -5.25 -20.63
N GLU A 443 25.66 -6.14 -19.77
CA GLU A 443 25.25 -6.23 -18.37
C GLU A 443 25.78 -5.09 -17.50
N ASN A 444 26.77 -4.32 -17.97
CA ASN A 444 27.22 -3.14 -17.22
C ASN A 444 26.45 -1.90 -17.57
N CYS A 445 25.60 -1.98 -18.59
CA CYS A 445 24.75 -0.85 -18.94
C CYS A 445 23.73 -0.61 -17.82
N ILE A 446 23.22 0.61 -17.76
CA ILE A 446 22.21 0.99 -16.78
C ILE A 446 20.94 1.31 -17.55
N MET A 447 19.92 0.47 -17.38
CA MET A 447 18.66 0.68 -18.11
C MET A 447 17.86 1.80 -17.45
N VAL A 448 17.34 2.71 -18.28
CA VAL A 448 16.68 3.93 -17.82
C VAL A 448 15.37 4.09 -18.58
N MET A 449 14.26 4.15 -17.84
CA MET A 449 12.95 4.29 -18.46
C MET A 449 12.25 5.55 -17.96
N LYS A 450 11.67 6.32 -18.89
CA LYS A 450 11.02 7.59 -18.62
C LYS A 450 9.51 7.48 -18.75
N ASN A 451 8.84 8.59 -18.41
CA ASN A 451 7.40 8.77 -18.63
C ASN A 451 6.56 7.63 -18.04
N CYS A 452 6.93 7.18 -16.84
CA CYS A 452 6.19 6.13 -16.17
C CYS A 452 5.68 6.54 -14.80
N GLY A 453 5.77 7.83 -14.45
CA GLY A 453 5.37 8.28 -13.14
C GLY A 453 3.88 8.57 -13.05
N PRO A 454 3.47 9.34 -12.02
CA PRO A 454 2.04 9.66 -11.85
C PRO A 454 1.41 10.31 -13.07
N LYS A 455 1.98 11.42 -13.53
CA LYS A 455 1.44 12.11 -14.71
C LYS A 455 1.79 11.41 -16.02
N GLY A 456 2.88 10.63 -16.05
CA GLY A 456 3.45 10.19 -17.30
C GLY A 456 2.88 8.93 -17.92
N TYR A 457 2.61 7.91 -17.08
CA TYR A 457 2.20 6.61 -17.61
C TYR A 457 0.86 6.63 -18.32
N PRO A 458 -0.23 7.22 -17.76
CA PRO A 458 -0.37 7.95 -16.50
C PRO A 458 -0.68 7.01 -15.32
N GLY A 459 -0.35 7.45 -14.10
CA GLY A 459 -0.75 6.74 -12.89
C GLY A 459 0.35 5.98 -12.18
N MET A 460 1.60 6.08 -12.62
CA MET A 460 2.74 5.39 -12.03
C MET A 460 2.49 3.89 -11.91
N ALA A 461 2.62 3.17 -13.02
CA ALA A 461 2.36 1.73 -13.05
C ALA A 461 3.52 0.96 -12.44
N GLU A 462 3.28 -0.32 -12.19
CA GLU A 462 4.31 -1.23 -11.66
C GLU A 462 5.13 -1.83 -12.80
N VAL A 463 5.85 -0.95 -13.51
CA VAL A 463 6.69 -1.34 -14.62
C VAL A 463 8.17 -1.11 -14.33
N GLY A 464 8.53 -0.84 -13.07
CA GLY A 464 9.90 -0.48 -12.76
C GLY A 464 10.86 -1.66 -12.80
N ASN A 465 10.35 -2.86 -12.51
CA ASN A 465 11.13 -4.10 -12.57
C ASN A 465 11.19 -4.54 -14.05
N MET A 466 11.92 -3.75 -14.83
CA MET A 466 12.11 -4.06 -16.25
C MET A 466 12.83 -5.39 -16.41
N GLY A 467 12.35 -6.20 -17.35
CA GLY A 467 13.03 -7.44 -17.67
C GLY A 467 14.30 -7.19 -18.46
N LEU A 468 15.33 -7.97 -18.17
CA LEU A 468 16.63 -7.83 -18.80
C LEU A 468 16.57 -8.21 -20.29
N PRO A 469 17.53 -7.75 -21.09
CA PRO A 469 17.51 -8.08 -22.52
C PRO A 469 17.94 -9.52 -22.73
N PRO A 470 17.25 -10.29 -23.58
CA PRO A 470 17.58 -11.71 -23.73
C PRO A 470 19.06 -11.99 -23.93
N LYS A 471 19.74 -11.18 -24.74
CA LYS A 471 21.18 -11.37 -24.97
C LYS A 471 22.01 -11.23 -23.71
N VAL A 472 21.46 -10.66 -22.63
CA VAL A 472 22.18 -10.59 -21.36
C VAL A 472 21.92 -11.83 -20.50
N LEU A 473 20.69 -12.35 -20.47
CA LEU A 473 20.44 -13.54 -19.67
C LEU A 473 21.09 -14.79 -20.26
N LYS A 474 21.32 -14.82 -21.58
CA LYS A 474 22.05 -15.95 -22.20
C LYS A 474 23.41 -16.19 -21.54
N LYS A 475 24.03 -15.15 -20.98
CA LYS A 475 25.29 -15.31 -20.28
C LYS A 475 25.11 -15.83 -18.87
N GLY A 476 23.88 -16.03 -18.41
CA GLY A 476 23.65 -16.43 -17.04
C GLY A 476 23.68 -15.29 -16.05
N ILE A 477 23.29 -14.09 -16.49
CA ILE A 477 23.29 -12.89 -15.67
C ILE A 477 21.85 -12.55 -15.33
N LEU A 478 21.57 -12.33 -14.06
CA LEU A 478 20.21 -12.23 -13.57
C LEU A 478 19.81 -10.82 -13.14
N ASP A 479 20.77 -9.89 -13.02
CA ASP A 479 20.47 -8.57 -12.50
C ASP A 479 21.22 -7.50 -13.29
N MET A 480 20.53 -6.38 -13.51
CA MET A 480 21.14 -5.16 -14.02
C MET A 480 20.53 -3.98 -13.29
N VAL A 481 21.27 -2.88 -13.26
CA VAL A 481 20.75 -1.66 -12.64
C VAL A 481 19.67 -1.07 -13.55
N ARG A 482 18.49 -0.83 -12.97
CA ARG A 482 17.40 -0.21 -13.69
C ARG A 482 16.92 1.01 -12.91
N ILE A 483 16.61 2.08 -13.63
CA ILE A 483 16.14 3.33 -13.06
C ILE A 483 14.89 3.76 -13.82
N SER A 484 13.87 4.21 -13.10
CA SER A 484 12.69 4.79 -13.73
C SER A 484 11.95 5.66 -12.71
N ASP A 485 10.92 6.34 -13.21
CA ASP A 485 9.99 7.08 -12.36
C ASP A 485 8.74 6.27 -12.07
N ALA A 486 8.83 4.96 -12.15
CA ALA A 486 7.69 4.08 -12.00
C ALA A 486 7.70 3.42 -10.63
N ARG A 487 6.69 2.59 -10.39
CA ARG A 487 6.61 1.79 -9.20
C ARG A 487 7.05 0.37 -9.51
N MET A 488 6.91 -0.49 -8.52
CA MET A 488 7.30 -1.88 -8.63
C MET A 488 6.33 -2.66 -7.76
N ALA A 489 5.95 -3.84 -8.21
CA ALA A 489 5.14 -4.69 -7.36
C ALA A 489 5.90 -5.00 -6.07
N GLY A 490 5.15 -5.22 -4.99
CA GLY A 490 5.77 -5.77 -3.79
C GLY A 490 6.57 -7.02 -4.09
N THR A 491 6.10 -7.84 -5.03
CA THR A 491 6.82 -9.01 -5.51
C THR A 491 7.84 -8.56 -6.55
N ALA A 492 9.13 -8.64 -6.22
CA ALA A 492 10.20 -8.32 -7.17
C ALA A 492 11.56 -8.66 -6.56
N TYR A 493 12.55 -8.80 -7.43
CA TYR A 493 13.94 -8.87 -7.06
C TYR A 493 14.70 -7.75 -7.79
N GLY A 494 16.02 -7.85 -7.83
CA GLY A 494 16.84 -7.02 -8.69
C GLY A 494 17.16 -5.63 -8.12
N THR A 495 18.23 -5.06 -8.68
CA THR A 495 18.75 -3.75 -8.26
C THR A 495 18.00 -2.67 -9.02
N VAL A 496 16.90 -2.19 -8.44
CA VAL A 496 15.98 -1.30 -9.13
C VAL A 496 15.85 0.00 -8.36
N VAL A 497 15.97 1.12 -9.07
CA VAL A 497 15.75 2.45 -8.51
C VAL A 497 14.35 2.90 -8.94
N LEU A 498 13.51 3.27 -7.96
CA LEU A 498 12.11 3.52 -8.19
C LEU A 498 11.72 4.93 -7.75
N HIS A 499 10.53 5.34 -8.19
CA HIS A 499 9.90 6.58 -7.77
C HIS A 499 10.81 7.78 -8.03
N THR A 500 11.62 7.73 -9.08
CA THR A 500 12.56 8.82 -9.34
C THR A 500 11.79 10.12 -9.50
N SER A 501 12.13 11.12 -8.70
CA SER A 501 11.36 12.35 -8.66
C SER A 501 12.27 13.56 -8.75
N PRO A 502 11.84 14.62 -9.45
CA PRO A 502 10.57 14.69 -10.17
C PRO A 502 10.53 13.71 -11.35
N GLU A 503 9.35 13.17 -11.64
CA GLU A 503 9.20 12.23 -12.75
C GLU A 503 9.59 12.90 -14.07
N ALA A 504 9.82 12.07 -15.10
CA ALA A 504 10.22 12.61 -16.38
C ALA A 504 9.16 13.56 -16.93
N ALA A 505 7.88 13.22 -16.75
CA ALA A 505 6.79 13.94 -17.39
C ALA A 505 6.61 15.35 -16.85
N VAL A 506 7.20 15.70 -15.71
CA VAL A 506 7.10 17.05 -15.17
C VAL A 506 8.43 17.79 -15.31
N GLY A 507 9.33 17.27 -16.14
CA GLY A 507 10.58 17.95 -16.42
C GLY A 507 11.68 17.69 -15.44
N GLY A 508 11.63 16.58 -14.69
CA GLY A 508 12.74 16.21 -13.84
C GLY A 508 13.94 15.81 -14.68
N PRO A 509 15.14 15.90 -14.10
CA PRO A 509 16.36 15.55 -14.86
C PRO A 509 16.31 14.20 -15.56
N LEU A 510 15.57 13.22 -15.02
CA LEU A 510 15.47 11.93 -15.68
C LEU A 510 14.91 12.05 -17.08
N ALA A 511 14.20 13.14 -17.37
CA ALA A 511 13.63 13.33 -18.70
C ALA A 511 14.71 13.49 -19.77
N VAL A 512 15.86 14.06 -19.41
CA VAL A 512 16.86 14.46 -20.40
C VAL A 512 18.06 13.52 -20.42
N VAL A 513 17.93 12.32 -19.85
CA VAL A 513 18.99 11.33 -19.96
C VAL A 513 19.03 10.80 -21.39
N LYS A 514 20.24 10.74 -21.96
CA LYS A 514 20.43 10.26 -23.32
C LYS A 514 21.28 9.00 -23.31
N ASN A 515 21.15 8.21 -24.37
CA ASN A 515 21.96 7.01 -24.50
C ASN A 515 23.43 7.36 -24.42
N GLY A 516 24.22 6.47 -23.81
CA GLY A 516 25.63 6.68 -23.63
C GLY A 516 26.03 7.46 -22.39
N ASP A 517 25.14 8.28 -21.83
CA ASP A 517 25.44 9.02 -20.60
C ASP A 517 25.93 8.08 -19.51
N MET A 518 26.93 8.53 -18.76
CA MET A 518 27.40 7.81 -17.59
C MET A 518 26.48 8.08 -16.40
N ILE A 519 26.07 7.00 -15.72
CA ILE A 519 25.26 7.06 -14.51
C ILE A 519 26.02 6.32 -13.43
N GLU A 520 26.07 6.90 -12.23
CA GLU A 520 26.67 6.24 -11.09
C GLU A 520 25.62 5.99 -10.02
N LEU A 521 25.54 4.75 -9.57
CA LEU A 521 24.69 4.36 -8.47
C LEU A 521 25.59 4.02 -7.29
N ASP A 522 25.35 4.67 -6.16
CA ASP A 522 26.17 4.51 -4.96
C ASP A 522 25.21 4.46 -3.78
N VAL A 523 24.76 3.26 -3.43
CA VAL A 523 23.76 3.08 -2.39
C VAL A 523 24.36 3.40 -1.03
N PRO A 524 25.51 2.82 -0.62
CA PRO A 524 26.08 3.17 0.69
C PRO A 524 26.15 4.67 0.95
N ASN A 525 26.39 5.47 -0.07
CA ASN A 525 26.44 6.92 0.09
C ASN A 525 25.16 7.61 -0.39
N ARG A 526 24.09 6.85 -0.64
CA ARG A 526 22.78 7.42 -0.97
C ARG A 526 22.85 8.36 -2.18
N ARG A 527 23.66 7.98 -3.17
CA ARG A 527 23.95 8.84 -4.30
C ARG A 527 23.45 8.22 -5.60
N LEU A 528 22.88 9.06 -6.47
CA LEU A 528 22.54 8.63 -7.82
C LEU A 528 22.85 9.80 -8.75
N HIS A 529 23.87 9.65 -9.58
CA HIS A 529 24.50 10.78 -10.27
C HIS A 529 24.49 10.60 -11.78
N LEU A 530 24.00 11.61 -12.49
CA LEU A 530 24.11 11.68 -13.94
C LEU A 530 25.38 12.47 -14.26
N ASP A 531 26.38 11.77 -14.81
CA ASP A 531 27.72 12.36 -14.99
C ASP A 531 27.74 13.19 -16.27
N ILE A 532 27.13 14.37 -16.18
CA ILE A 532 27.31 15.42 -17.17
C ILE A 532 27.52 16.72 -16.41
N SER A 533 27.97 17.74 -17.15
CA SER A 533 28.22 19.04 -16.53
C SER A 533 26.90 19.69 -16.13
N ASP A 534 26.96 20.56 -15.13
CA ASP A 534 25.78 21.32 -14.75
C ASP A 534 25.26 22.16 -15.91
N GLU A 535 26.17 22.59 -16.79
CA GLU A 535 25.77 23.36 -17.97
C GLU A 535 24.97 22.50 -18.94
N GLU A 536 25.48 21.30 -19.23
CA GLU A 536 24.79 20.42 -20.17
C GLU A 536 23.44 19.97 -19.63
N LEU A 537 23.37 19.71 -18.32
CA LEU A 537 22.08 19.41 -17.69
C LEU A 537 21.13 20.60 -17.80
N ALA A 538 21.64 21.82 -17.57
CA ALA A 538 20.79 23.00 -17.64
C ALA A 538 20.25 23.20 -19.04
N ARG A 539 21.10 23.08 -20.06
CA ARG A 539 20.64 23.34 -21.43
C ARG A 539 19.74 22.21 -21.93
N ARG A 540 20.01 20.97 -21.54
CA ARG A 540 19.08 19.88 -21.85
C ARG A 540 17.71 20.12 -21.22
N LEU A 541 17.70 20.67 -20.00
CA LEU A 541 16.45 20.90 -19.27
C LEU A 541 15.68 22.08 -19.82
N ALA A 542 16.37 23.14 -20.24
CA ALA A 542 15.68 24.29 -20.81
C ALA A 542 15.00 23.93 -22.14
N GLU A 543 15.54 22.95 -22.85
CA GLU A 543 14.97 22.50 -24.12
C GLU A 543 13.76 21.58 -23.95
N TRP A 544 13.43 21.21 -22.72
CA TRP A 544 12.45 20.14 -22.49
C TRP A 544 11.03 20.60 -22.79
N GLN A 545 10.23 19.67 -23.30
CA GLN A 545 8.80 19.85 -23.47
C GLN A 545 8.11 18.51 -23.20
N PRO A 546 6.87 18.53 -22.70
CA PRO A 546 6.19 17.28 -22.33
C PRO A 546 5.74 16.44 -23.51
N ASN A 547 6.42 15.32 -23.76
CA ASN A 547 6.15 14.55 -24.97
C ASN A 547 4.95 13.62 -24.85
N HIS A 548 4.52 13.30 -23.64
CA HIS A 548 3.43 12.35 -23.46
C HIS A 548 2.07 13.00 -23.78
N ASP A 549 1.05 12.15 -23.88
CA ASP A 549 -0.30 12.59 -24.22
C ASP A 549 -0.93 13.34 -23.05
N LEU A 550 -1.56 14.49 -23.33
CA LEU A 550 -2.22 15.26 -22.30
C LEU A 550 -3.72 15.08 -22.41
N PRO A 551 -4.39 14.55 -21.38
CA PRO A 551 -5.85 14.43 -21.43
C PRO A 551 -6.49 15.80 -21.41
N THR A 552 -7.61 15.93 -22.12
CA THR A 552 -8.32 17.20 -22.19
C THR A 552 -9.56 17.24 -21.32
N SER A 553 -10.07 16.10 -20.90
CA SER A 553 -11.32 16.03 -20.16
C SER A 553 -11.30 14.76 -19.30
N GLY A 554 -12.35 14.61 -18.49
CA GLY A 554 -12.49 13.46 -17.63
C GLY A 554 -11.55 13.46 -16.44
N TYR A 555 -11.67 12.39 -15.65
CA TYR A 555 -10.82 12.22 -14.47
C TYR A 555 -9.35 12.22 -14.84
N ALA A 556 -9.01 11.70 -16.01
CA ALA A 556 -7.61 11.73 -16.46
C ALA A 556 -7.08 13.15 -16.46
N PHE A 557 -7.87 14.10 -16.95
CA PHE A 557 -7.46 15.50 -16.96
C PHE A 557 -7.25 16.02 -15.53
N LEU A 558 -8.18 15.70 -14.63
CA LEU A 558 -8.07 16.14 -13.25
C LEU A 558 -6.78 15.62 -12.61
N HIS A 559 -6.50 14.34 -12.80
CA HIS A 559 -5.27 13.74 -12.28
C HIS A 559 -4.03 14.40 -12.88
N GLN A 560 -4.07 14.69 -14.18
CA GLN A 560 -2.95 15.34 -14.85
C GLN A 560 -2.67 16.73 -14.27
N GLN A 561 -3.72 17.46 -13.87
CA GLN A 561 -3.55 18.81 -13.35
C GLN A 561 -3.08 18.84 -11.90
N HIS A 562 -3.35 17.79 -11.12
CA HIS A 562 -3.29 17.94 -9.67
C HIS A 562 -2.49 16.90 -8.93
N VAL A 563 -2.09 15.78 -9.56
CA VAL A 563 -1.28 14.82 -8.82
C VAL A 563 0.11 15.40 -8.60
N GLU A 564 0.69 15.06 -7.46
CA GLU A 564 2.03 15.47 -7.09
C GLU A 564 2.97 14.30 -7.30
N GLY A 565 4.22 14.45 -6.87
CA GLY A 565 5.22 13.42 -7.09
C GLY A 565 5.20 12.33 -6.05
N ALA A 566 5.79 11.18 -6.41
CA ALA A 566 5.89 10.08 -5.48
C ALA A 566 6.72 10.41 -4.26
N ASP A 567 7.48 11.50 -4.29
CA ASP A 567 8.30 11.84 -3.14
C ASP A 567 7.47 12.33 -1.96
N THR A 568 6.25 12.80 -2.21
CA THR A 568 5.35 13.21 -1.13
C THR A 568 4.10 12.33 -1.04
N GLY A 569 4.12 11.17 -1.69
CA GLY A 569 3.00 10.25 -1.63
C GLY A 569 2.09 10.24 -2.83
N ALA A 570 2.32 11.13 -3.80
CA ALA A 570 1.59 11.11 -5.08
C ALA A 570 0.09 11.34 -4.87
N ASP A 571 -0.23 12.18 -3.90
CA ASP A 571 -1.59 12.61 -3.63
C ASP A 571 -1.97 13.75 -4.57
N LEU A 572 -3.25 14.08 -4.63
CA LEU A 572 -3.69 15.28 -5.34
C LEU A 572 -3.48 16.49 -4.45
N ASP A 573 -3.02 17.58 -5.04
CA ASP A 573 -2.56 18.70 -4.22
C ASP A 573 -3.70 19.28 -3.40
N PHE A 574 -4.88 19.44 -4.01
CA PHE A 574 -6.01 20.01 -3.28
C PHE A 574 -6.66 19.04 -2.29
N LEU A 575 -6.11 17.85 -2.12
CA LEU A 575 -6.66 16.89 -1.16
C LEU A 575 -5.74 16.68 0.04
N LYS A 576 -4.59 17.33 0.09
CA LYS A 576 -3.70 17.17 1.24
C LYS A 576 -4.34 17.78 2.48
N GLY A 577 -4.07 17.17 3.63
CA GLY A 577 -4.54 17.70 4.89
C GLY A 577 -5.88 17.16 5.36
N CYS A 578 -6.31 17.65 6.52
CA CYS A 578 -7.52 17.21 7.18
C CYS A 578 -8.54 18.34 7.16
N ARG A 579 -9.74 18.04 6.68
CA ARG A 579 -10.80 19.04 6.59
C ARG A 579 -11.87 18.84 7.66
N GLY A 580 -11.62 17.97 8.64
CA GLY A 580 -12.52 17.80 9.75
C GLY A 580 -13.82 17.11 9.39
N ASN A 581 -14.68 16.99 10.40
CA ASN A 581 -15.96 16.30 10.27
C ASN A 581 -17.14 17.21 10.61
N ALA A 582 -16.98 18.51 10.43
CA ALA A 582 -18.08 19.42 10.72
C ALA A 582 -19.27 19.08 9.84
N VAL A 583 -20.46 19.06 10.44
CA VAL A 583 -21.69 18.83 9.68
C VAL A 583 -21.92 20.00 8.73
N GLY A 584 -22.21 19.68 7.48
CA GLY A 584 -22.48 20.71 6.50
C GLY A 584 -23.85 21.34 6.70
N LYS A 585 -24.11 22.38 5.90
CA LYS A 585 -25.41 23.03 5.93
C LYS A 585 -26.52 22.02 5.64
N ASP A 586 -27.72 22.35 6.07
CA ASP A 586 -28.85 21.45 5.86
C ASP A 586 -29.37 21.59 4.44
N SER A 587 -29.80 20.45 3.86
CA SER A 587 -30.18 20.43 2.45
C SER A 587 -31.55 21.01 2.18
N HIS A 588 -32.30 21.41 3.22
CA HIS A 588 -33.56 22.12 3.03
C HIS A 588 -33.71 23.26 4.04
#